data_9MK7
#
_entry.id   9MK7
#
_cell.length_a   79.201
_cell.length_b   132.236
_cell.length_c   118.291
_cell.angle_alpha   90.00
_cell.angle_beta   90.00
_cell.angle_gamma   90.00
#
_symmetry.space_group_name_H-M   'C 2 2 21'
#
loop_
_entity.id
_entity.type
_entity.pdbx_description
1 polymer 'WD repeat-containing protein 91'
2 non-polymer (1R)-1-({(6M)-2-(methylamino)-6-[3-(pyrrolidin-1-yl)phenyl]pyrimidin-4-yl}amino)-2,3-dihydro-1H-indene-4-carbonitrile
3 non-polymer 'UNKNOWN ATOM OR ION'
4 water water
#
_entity_poly.entity_id   1
_entity_poly.type   'polypeptide(L)'
_entity_poly.pdbx_seq_one_letter_code
;MHHHHHHSSGRENLYFQGPEQPFIVLGQEEYGEHHSSIMHCRVDCSGRRVASLDVDGVIKVWSFNPIMQTKASSISKSPL
LSLEWATKRDRLLLLGSGVGTVRLYDTEAKKNLCEININDNMPRILSLACSPNGASFVCSAAAPSLTSQVDFSAPDIGSK
GMNQVPGRLLLWDTKTMKQQLQFSLDPEPIAINCTAFNHNGNLLVTGAADGVIRLFDMQQHECAMSWRAHYGEVYSVEFS
YDENTVYSIGEDGKFIQWNIHKSGLKVSEYSLPSDATGPFVLSGYSGYKQVQVPRGRLFAFDSEGNYMLTCSATGGVIYK
LGGDEKVLESCLSLGGHRAPVVTVDWSTAMDCGTCLTASMDGKIKLTTLLAHKA
;
_entity_poly.pdbx_strand_id   A
#
# COMPACT_ATOMS: atom_id res chain seq x y z
N GLN A 21 7.12 7.95 25.65
CA GLN A 21 6.42 6.67 25.37
C GLN A 21 4.93 6.93 25.11
N PRO A 22 4.55 7.25 23.84
CA PRO A 22 3.14 7.23 23.41
C PRO A 22 2.52 5.82 23.19
N PHE A 23 3.41 4.81 23.11
CA PHE A 23 2.95 3.45 22.99
C PHE A 23 3.75 2.54 23.89
N ILE A 24 3.08 1.44 24.30
CA ILE A 24 3.75 0.36 24.99
C ILE A 24 3.76 -0.85 24.06
N VAL A 25 4.93 -1.45 23.91
CA VAL A 25 5.12 -2.62 23.08
C VAL A 25 4.78 -3.88 23.87
N LEU A 26 3.62 -4.50 23.58
CA LEU A 26 3.21 -5.72 24.27
C LEU A 26 3.99 -6.94 23.78
N GLY A 27 4.49 -6.91 22.53
CA GLY A 27 5.30 -8.01 22.02
C GLY A 27 5.65 -7.86 20.52
N GLN A 28 6.68 -8.62 20.12
CA GLN A 28 7.07 -8.74 18.73
C GLN A 28 7.19 -10.22 18.35
N GLU A 29 6.39 -10.65 17.36
N GLU A 29 6.36 -10.66 17.39
CA GLU A 29 6.44 -12.01 16.85
CA GLU A 29 6.44 -12.01 16.85
C GLU A 29 6.78 -11.95 15.36
C GLU A 29 6.86 -11.93 15.37
N GLU A 30 7.28 -13.07 14.84
CA GLU A 30 7.78 -13.16 13.47
C GLU A 30 6.94 -14.16 12.70
N TYR A 31 6.47 -13.75 11.52
CA TYR A 31 5.92 -14.69 10.55
C TYR A 31 6.98 -14.97 9.48
N GLY A 32 7.36 -16.25 9.36
CA GLY A 32 8.55 -16.65 8.61
C GLY A 32 8.25 -17.66 7.50
N GLU A 33 7.00 -17.75 7.05
CA GLU A 33 6.60 -18.77 6.09
C GLU A 33 7.02 -18.40 4.66
N HIS A 34 7.27 -17.12 4.38
CA HIS A 34 7.77 -16.67 3.10
C HIS A 34 9.28 -16.88 3.03
N HIS A 35 9.74 -17.30 1.83
CA HIS A 35 11.14 -17.63 1.60
C HIS A 35 11.76 -16.64 0.61
N SER A 36 10.95 -15.68 0.14
CA SER A 36 11.38 -14.63 -0.76
C SER A 36 10.91 -13.27 -0.25
N SER A 37 11.53 -12.22 -0.76
CA SER A 37 11.22 -10.87 -0.37
C SER A 37 9.73 -10.59 -0.48
N ILE A 38 9.23 -9.83 0.50
CA ILE A 38 7.81 -9.53 0.61
C ILE A 38 7.48 -8.37 -0.33
N MET A 39 6.36 -8.49 -1.02
CA MET A 39 5.92 -7.41 -1.89
C MET A 39 4.88 -6.56 -1.17
N HIS A 40 3.84 -7.21 -0.62
CA HIS A 40 2.77 -6.53 0.11
C HIS A 40 2.44 -7.35 1.35
N CYS A 41 2.05 -6.66 2.46
CA CYS A 41 1.38 -7.32 3.57
C CYS A 41 0.33 -6.38 4.14
N ARG A 42 -0.91 -6.85 4.22
CA ARG A 42 -2.03 -5.98 4.63
C ARG A 42 -2.97 -6.73 5.58
N VAL A 43 -3.36 -6.05 6.66
CA VAL A 43 -4.36 -6.56 7.56
C VAL A 43 -5.73 -6.39 6.93
N ASP A 44 -6.61 -7.37 7.08
CA ASP A 44 -7.97 -7.31 6.56
C ASP A 44 -8.78 -6.32 7.40
N CYS A 45 -10.05 -6.12 7.02
CA CYS A 45 -10.87 -5.06 7.61
C CYS A 45 -11.34 -5.46 9.01
N SER A 46 -11.40 -6.75 9.31
CA SER A 46 -11.72 -7.22 10.65
C SER A 46 -10.56 -6.95 11.62
N GLY A 47 -9.35 -6.73 11.11
CA GLY A 47 -8.20 -6.49 11.95
C GLY A 47 -7.61 -7.78 12.53
N ARG A 48 -8.02 -8.94 11.98
CA ARG A 48 -7.76 -10.26 12.55
C ARG A 48 -6.99 -11.17 11.56
N ARG A 49 -6.82 -10.79 10.28
CA ARG A 49 -6.07 -11.63 9.35
C ARG A 49 -5.06 -10.79 8.58
N VAL A 50 -3.94 -11.41 8.17
CA VAL A 50 -3.01 -10.78 7.24
C VAL A 50 -3.02 -11.53 5.91
N ALA A 51 -2.99 -10.77 4.83
CA ALA A 51 -2.62 -11.32 3.53
C ALA A 51 -1.28 -10.77 3.09
N SER A 52 -0.35 -11.66 2.79
CA SER A 52 0.98 -11.24 2.37
C SER A 52 1.37 -11.91 1.05
N LEU A 53 2.12 -11.17 0.25
CA LEU A 53 2.53 -11.61 -1.07
C LEU A 53 4.02 -11.35 -1.25
N ASP A 54 4.75 -12.38 -1.69
CA ASP A 54 6.17 -12.25 -1.92
C ASP A 54 6.44 -12.21 -3.44
N VAL A 55 7.72 -12.05 -3.80
CA VAL A 55 8.09 -11.76 -5.18
C VAL A 55 8.12 -13.05 -6.02
N ASP A 56 7.95 -14.21 -5.38
CA ASP A 56 7.77 -15.47 -6.08
C ASP A 56 6.28 -15.75 -6.35
N GLY A 57 5.41 -14.78 -6.10
CA GLY A 57 3.98 -14.98 -6.28
C GLY A 57 3.33 -15.93 -5.23
N VAL A 58 3.98 -16.15 -4.08
CA VAL A 58 3.34 -16.90 -3.00
C VAL A 58 2.43 -15.94 -2.21
N ILE A 59 1.15 -16.29 -2.16
CA ILE A 59 0.19 -15.60 -1.32
C ILE A 59 -0.02 -16.43 -0.07
N LYS A 60 -0.01 -15.76 1.09
CA LYS A 60 -0.30 -16.39 2.37
C LYS A 60 -1.34 -15.55 3.10
N VAL A 61 -2.27 -16.25 3.76
CA VAL A 61 -3.26 -15.66 4.63
C VAL A 61 -3.15 -16.31 5.99
N TRP A 62 -3.04 -15.48 7.03
CA TRP A 62 -2.73 -15.97 8.36
C TRP A 62 -3.36 -15.08 9.44
N SER A 63 -3.73 -15.72 10.55
CA SER A 63 -4.07 -15.03 11.78
C SER A 63 -2.82 -14.94 12.67
N PHE A 64 -2.91 -14.13 13.73
CA PHE A 64 -1.76 -13.81 14.56
C PHE A 64 -2.18 -13.64 16.03
N ASN A 65 -3.47 -13.59 16.30
CA ASN A 65 -3.95 -13.36 17.64
C ASN A 65 -4.85 -14.53 18.02
N PRO A 66 -4.47 -15.41 18.99
CA PRO A 66 -3.29 -15.22 19.86
C PRO A 66 -1.93 -15.72 19.36
N ILE A 67 -1.95 -16.62 18.37
CA ILE A 67 -0.72 -17.03 17.71
C ILE A 67 -0.86 -16.91 16.19
N MET A 68 0.30 -16.97 15.56
CA MET A 68 0.40 -17.04 14.11
C MET A 68 -0.02 -18.41 13.64
N GLN A 69 -1.02 -18.48 12.77
CA GLN A 69 -1.22 -19.69 12.00
C GLN A 69 -1.70 -19.34 10.59
N THR A 70 -1.26 -20.18 9.64
CA THR A 70 -1.52 -20.01 8.22
C THR A 70 -2.88 -20.61 7.89
N LYS A 71 -3.74 -19.85 7.22
CA LYS A 71 -5.08 -20.31 6.86
C LYS A 71 -5.15 -20.73 5.40
N ALA A 72 -4.38 -20.05 4.53
CA ALA A 72 -4.33 -20.40 3.12
C ALA A 72 -2.93 -20.15 2.55
N SER A 73 -2.48 -21.03 1.65
CA SER A 73 -1.24 -20.83 0.93
C SER A 73 -1.42 -21.25 -0.52
N SER A 74 -1.05 -20.39 -1.46
CA SER A 74 -1.06 -20.76 -2.87
C SER A 74 0.10 -20.10 -3.60
N ILE A 75 0.63 -20.84 -4.61
CA ILE A 75 1.60 -20.33 -5.57
C ILE A 75 0.83 -19.84 -6.79
N SER A 76 1.06 -18.59 -7.18
CA SER A 76 0.51 -18.09 -8.42
C SER A 76 1.41 -18.49 -9.60
N LYS A 77 0.80 -19.06 -10.65
CA LYS A 77 1.54 -19.37 -11.88
C LYS A 77 1.92 -18.05 -12.57
N SER A 78 0.98 -17.11 -12.56
CA SER A 78 1.19 -15.80 -13.16
C SER A 78 1.75 -14.82 -12.12
N PRO A 79 2.53 -13.82 -12.54
CA PRO A 79 2.97 -12.77 -11.61
C PRO A 79 1.81 -12.04 -10.96
N LEU A 80 1.97 -11.75 -9.66
CA LEU A 80 1.02 -10.96 -8.88
C LEU A 80 1.69 -9.68 -8.43
N LEU A 81 1.02 -8.55 -8.63
CA LEU A 81 1.63 -7.27 -8.38
C LEU A 81 0.93 -6.51 -7.26
N SER A 82 -0.31 -6.91 -6.92
CA SER A 82 -1.14 -6.06 -6.05
C SER A 82 -2.18 -6.88 -5.32
N LEU A 83 -2.64 -6.33 -4.20
CA LEU A 83 -3.51 -7.03 -3.28
C LEU A 83 -4.34 -6.01 -2.49
N GLU A 84 -5.61 -6.35 -2.25
CA GLU A 84 -6.51 -5.47 -1.56
C GLU A 84 -7.67 -6.28 -0.98
N TRP A 85 -7.87 -6.14 0.33
CA TRP A 85 -8.98 -6.75 1.03
C TRP A 85 -10.25 -6.00 0.68
N ALA A 86 -11.32 -6.76 0.50
CA ALA A 86 -12.65 -6.21 0.39
C ALA A 86 -13.05 -5.56 1.71
N THR A 87 -13.94 -4.55 1.63
CA THR A 87 -14.35 -3.77 2.79
C THR A 87 -15.63 -4.30 3.41
N LYS A 88 -16.50 -4.94 2.63
CA LYS A 88 -17.81 -5.31 3.14
C LYS A 88 -18.01 -6.82 3.11
N ARG A 89 -17.04 -7.56 2.61
CA ARG A 89 -17.00 -9.01 2.79
C ARG A 89 -15.58 -9.40 3.18
N ASP A 90 -15.37 -9.49 4.49
CA ASP A 90 -14.08 -9.67 5.14
C ASP A 90 -13.22 -10.75 4.47
N ARG A 91 -13.84 -11.86 4.06
CA ARG A 91 -13.15 -13.05 3.57
C ARG A 91 -12.57 -12.87 2.15
N LEU A 92 -12.97 -11.81 1.42
CA LEU A 92 -12.63 -11.69 0.02
C LEU A 92 -11.37 -10.84 -0.16
N LEU A 93 -10.47 -11.33 -1.02
CA LEU A 93 -9.23 -10.64 -1.37
C LEU A 93 -9.17 -10.44 -2.88
N LEU A 94 -8.95 -9.19 -3.31
CA LEU A 94 -8.70 -8.87 -4.69
C LEU A 94 -7.20 -9.00 -4.96
N LEU A 95 -6.84 -9.62 -6.11
CA LEU A 95 -5.46 -9.81 -6.55
C LEU A 95 -5.30 -9.28 -7.96
N GLY A 96 -4.29 -8.43 -8.15
CA GLY A 96 -3.97 -7.90 -9.47
C GLY A 96 -2.67 -8.51 -9.99
N SER A 97 -2.72 -8.99 -11.23
CA SER A 97 -1.66 -9.80 -11.83
C SER A 97 -0.77 -8.94 -12.70
N GLY A 98 0.26 -9.57 -13.27
CA GLY A 98 1.12 -8.91 -14.24
C GLY A 98 0.76 -9.32 -15.67
N VAL A 99 -0.42 -9.95 -15.84
CA VAL A 99 -0.92 -10.40 -17.13
C VAL A 99 -2.35 -9.92 -17.33
N GLY A 100 -2.67 -8.74 -16.80
CA GLY A 100 -3.91 -8.06 -17.16
C GLY A 100 -5.17 -8.67 -16.52
N THR A 101 -5.04 -9.24 -15.33
CA THR A 101 -6.17 -9.92 -14.69
C THR A 101 -6.33 -9.42 -13.26
N VAL A 102 -7.59 -9.38 -12.81
CA VAL A 102 -7.93 -9.17 -11.42
C VAL A 102 -8.67 -10.41 -10.92
N ARG A 103 -8.14 -11.03 -9.85
CA ARG A 103 -8.78 -12.20 -9.26
C ARG A 103 -9.49 -11.83 -7.96
N LEU A 104 -10.66 -12.45 -7.79
CA LEU A 104 -11.38 -12.44 -6.54
C LEU A 104 -11.12 -13.77 -5.86
N TYR A 105 -10.42 -13.69 -4.71
CA TYR A 105 -10.02 -14.87 -3.98
C TYR A 105 -10.80 -14.93 -2.65
N ASP A 106 -11.40 -16.09 -2.37
CA ASP A 106 -12.15 -16.28 -1.15
C ASP A 106 -11.26 -17.02 -0.16
N THR A 107 -10.93 -16.35 0.96
CA THR A 107 -9.88 -16.80 1.86
C THR A 107 -10.37 -17.92 2.78
N GLU A 108 -11.68 -18.06 2.96
CA GLU A 108 -12.16 -19.20 3.75
C GLU A 108 -12.32 -20.42 2.85
N ALA A 109 -12.82 -20.27 1.62
CA ALA A 109 -12.99 -21.40 0.72
C ALA A 109 -11.64 -21.84 0.11
N LYS A 110 -10.66 -20.93 0.13
CA LYS A 110 -9.31 -21.21 -0.35
C LYS A 110 -9.36 -21.47 -1.87
N LYS A 111 -10.05 -20.58 -2.60
CA LYS A 111 -10.24 -20.78 -4.04
C LYS A 111 -10.55 -19.44 -4.73
N ASN A 112 -10.09 -19.33 -5.99
CA ASN A 112 -10.37 -18.19 -6.84
C ASN A 112 -11.83 -18.28 -7.31
N LEU A 113 -12.62 -17.25 -7.01
CA LEU A 113 -14.03 -17.24 -7.36
C LEU A 113 -14.19 -16.84 -8.82
N CYS A 114 -13.38 -15.87 -9.26
CA CYS A 114 -13.39 -15.47 -10.65
C CYS A 114 -12.08 -14.76 -10.99
N GLU A 115 -11.81 -14.67 -12.30
CA GLU A 115 -10.63 -13.99 -12.83
C GLU A 115 -11.03 -13.24 -14.10
N ILE A 116 -10.89 -11.93 -14.07
CA ILE A 116 -11.43 -11.10 -15.12
C ILE A 116 -10.28 -10.43 -15.83
N ASN A 117 -10.31 -10.57 -17.16
CA ASN A 117 -9.33 -9.99 -18.05
C ASN A 117 -9.68 -8.52 -18.27
N ILE A 118 -8.69 -7.64 -18.06
CA ILE A 118 -8.68 -6.29 -18.58
C ILE A 118 -8.40 -6.35 -20.08
N ASN A 119 -9.48 -6.22 -20.88
CA ASN A 119 -9.38 -6.30 -22.33
C ASN A 119 -8.58 -5.10 -22.84
N ASP A 120 -7.23 -5.18 -22.72
CA ASP A 120 -6.35 -4.06 -22.98
C ASP A 120 -4.91 -4.53 -23.19
N ASN A 121 -4.02 -3.56 -23.41
CA ASN A 121 -2.61 -3.76 -23.68
C ASN A 121 -1.77 -3.36 -22.47
N MET A 122 -2.42 -3.32 -21.29
CA MET A 122 -1.80 -2.82 -20.06
C MET A 122 -1.84 -3.91 -19.02
N PRO A 123 -0.87 -4.82 -18.99
CA PRO A 123 -0.94 -6.00 -18.13
C PRO A 123 -0.58 -5.83 -16.66
N ARG A 124 -0.07 -4.66 -16.27
CA ARG A 124 0.46 -4.51 -14.91
C ARG A 124 -0.60 -3.87 -14.02
N ILE A 125 -1.26 -4.68 -13.19
CA ILE A 125 -2.21 -4.18 -12.20
C ILE A 125 -1.44 -3.72 -10.97
N LEU A 126 -1.01 -2.46 -11.00
CA LEU A 126 -0.11 -1.90 -9.99
C LEU A 126 -0.83 -1.59 -8.68
N SER A 127 -2.15 -1.35 -8.71
CA SER A 127 -2.83 -0.85 -7.51
C SER A 127 -4.31 -1.26 -7.54
N LEU A 128 -4.83 -1.64 -6.38
CA LEU A 128 -6.24 -1.97 -6.19
C LEU A 128 -6.73 -1.22 -4.96
N ALA A 129 -7.90 -0.58 -5.09
CA ALA A 129 -8.56 0.03 -3.95
C ALA A 129 -10.04 -0.30 -3.97
N CYS A 130 -10.52 -0.83 -2.85
CA CYS A 130 -11.92 -1.18 -2.68
C CYS A 130 -12.65 -0.04 -1.97
N SER A 131 -13.77 0.38 -2.54
N SER A 131 -13.80 0.36 -2.53
CA SER A 131 -14.57 1.43 -1.96
CA SER A 131 -14.59 1.44 -1.96
C SER A 131 -14.98 1.03 -0.54
C SER A 131 -15.05 1.05 -0.56
N PRO A 132 -15.03 2.01 0.40
CA PRO A 132 -15.57 1.75 1.75
C PRO A 132 -16.94 1.10 1.79
N ASN A 133 -17.81 1.46 0.84
CA ASN A 133 -19.19 0.97 0.88
C ASN A 133 -19.26 -0.39 0.17
N GLY A 134 -18.18 -0.82 -0.49
CA GLY A 134 -18.09 -2.20 -0.94
C GLY A 134 -18.72 -2.45 -2.32
N ALA A 135 -19.27 -1.39 -2.94
CA ALA A 135 -20.01 -1.52 -4.18
C ALA A 135 -19.06 -1.40 -5.38
N SER A 136 -17.85 -0.88 -5.17
CA SER A 136 -16.96 -0.60 -6.29
C SER A 136 -15.51 -0.79 -5.87
N PHE A 137 -14.65 -0.94 -6.89
CA PHE A 137 -13.22 -0.89 -6.67
C PHE A 137 -12.56 -0.31 -7.91
N VAL A 138 -11.36 0.14 -7.70
CA VAL A 138 -10.58 0.74 -8.73
C VAL A 138 -9.29 -0.06 -8.86
N CYS A 139 -8.77 -0.12 -10.09
CA CYS A 139 -7.43 -0.60 -10.28
C CYS A 139 -6.72 0.26 -11.30
N SER A 140 -5.40 0.33 -11.11
CA SER A 140 -4.53 0.89 -12.11
C SER A 140 -4.01 -0.25 -12.96
N ALA A 141 -3.90 0.02 -14.25
CA ALA A 141 -3.36 -0.95 -15.19
C ALA A 141 -2.33 -0.25 -16.06
N ALA A 142 -1.10 -0.75 -16.06
CA ALA A 142 0.00 -0.05 -16.73
C ALA A 142 0.63 -0.93 -17.82
N ALA A 143 1.21 -0.23 -18.81
CA ALA A 143 2.03 -0.83 -19.83
C ALA A 143 3.26 -1.48 -19.20
N PRO A 144 4.00 -2.32 -19.97
CA PRO A 144 5.25 -2.91 -19.48
C PRO A 144 6.27 -1.80 -19.23
N SER A 145 7.08 -1.92 -18.18
CA SER A 145 8.15 -0.96 -17.95
C SER A 145 9.21 -1.11 -19.04
N LEU A 146 9.88 -0.01 -19.37
CA LEU A 146 10.84 0.02 -20.46
C LEU A 146 12.15 -0.67 -20.03
N MET A 162 11.68 5.29 -16.96
CA MET A 162 11.84 3.87 -16.53
C MET A 162 10.47 3.22 -16.39
N ASN A 163 9.67 3.72 -15.44
CA ASN A 163 8.25 3.38 -15.38
C ASN A 163 7.43 4.57 -15.89
N GLN A 164 8.04 5.46 -16.69
CA GLN A 164 7.33 6.55 -17.36
C GLN A 164 6.53 6.02 -18.55
N VAL A 165 5.59 5.11 -18.28
CA VAL A 165 4.90 4.41 -19.35
C VAL A 165 3.40 4.66 -19.21
N PRO A 166 2.64 4.47 -20.31
CA PRO A 166 1.19 4.58 -20.27
C PRO A 166 0.58 3.69 -19.19
N GLY A 167 -0.47 4.20 -18.58
CA GLY A 167 -1.32 3.40 -17.74
C GLY A 167 -2.73 3.95 -17.74
N ARG A 168 -3.63 3.18 -17.13
CA ARG A 168 -5.03 3.56 -17.03
C ARG A 168 -5.48 3.41 -15.59
N LEU A 169 -6.63 4.02 -15.30
CA LEU A 169 -7.31 3.91 -14.03
C LEU A 169 -8.73 3.44 -14.27
N LEU A 170 -9.06 2.23 -13.78
CA LEU A 170 -10.32 1.58 -14.05
C LEU A 170 -11.23 1.59 -12.82
N LEU A 171 -12.54 1.82 -13.04
CA LEU A 171 -13.57 1.70 -12.02
C LEU A 171 -14.43 0.49 -12.33
N TRP A 172 -14.69 -0.33 -11.29
CA TRP A 172 -15.46 -1.55 -11.42
C TRP A 172 -16.67 -1.52 -10.51
N ASP A 173 -17.65 -2.34 -10.86
CA ASP A 173 -18.76 -2.73 -10.02
C ASP A 173 -18.46 -4.09 -9.40
N THR A 174 -18.47 -4.16 -8.04
CA THR A 174 -18.15 -5.39 -7.32
C THR A 174 -19.24 -6.42 -7.49
N LYS A 175 -20.49 -5.99 -7.66
CA LYS A 175 -21.58 -6.93 -7.69
C LYS A 175 -21.45 -7.82 -8.93
N THR A 176 -21.07 -7.20 -10.07
CA THR A 176 -21.01 -7.91 -11.36
C THR A 176 -19.57 -8.30 -11.70
N MET A 177 -18.60 -7.65 -11.03
CA MET A 177 -17.17 -7.73 -11.35
C MET A 177 -16.91 -7.36 -12.82
N LYS A 178 -17.64 -6.34 -13.30
CA LYS A 178 -17.44 -5.77 -14.63
C LYS A 178 -16.89 -4.34 -14.47
N GLN A 179 -16.08 -3.91 -15.44
CA GLN A 179 -15.65 -2.53 -15.50
C GLN A 179 -16.83 -1.62 -15.80
N GLN A 180 -16.83 -0.42 -15.20
CA GLN A 180 -17.84 0.58 -15.50
C GLN A 180 -17.24 1.65 -16.41
N LEU A 181 -16.06 2.14 -16.03
CA LEU A 181 -15.47 3.21 -16.82
C LEU A 181 -14.00 3.28 -16.54
N GLN A 182 -13.30 4.05 -17.37
N GLN A 182 -13.30 4.09 -17.33
CA GLN A 182 -11.91 4.43 -17.17
CA GLN A 182 -11.91 4.41 -17.11
C GLN A 182 -11.83 5.95 -17.04
C GLN A 182 -11.78 5.94 -17.07
N PHE A 183 -11.00 6.41 -16.09
CA PHE A 183 -10.75 7.84 -15.91
C PHE A 183 -9.64 8.30 -16.87
N SER A 184 -9.94 9.35 -17.63
CA SER A 184 -8.91 10.00 -18.42
C SER A 184 -7.86 10.57 -17.47
N LEU A 185 -6.60 10.48 -17.89
CA LEU A 185 -5.46 10.99 -17.13
C LEU A 185 -4.82 12.13 -17.89
N ASP A 186 -4.68 13.29 -17.25
CA ASP A 186 -4.07 14.42 -17.93
C ASP A 186 -2.65 14.65 -17.40
N PRO A 187 -1.66 15.07 -18.23
CA PRO A 187 -1.82 15.39 -19.66
C PRO A 187 -1.85 14.17 -20.58
N GLU A 188 -1.44 13.01 -20.03
CA GLU A 188 -1.32 11.80 -20.80
C GLU A 188 -1.53 10.58 -19.91
N PRO A 189 -1.98 9.44 -20.48
CA PRO A 189 -1.98 8.16 -19.78
C PRO A 189 -0.63 7.90 -19.11
N ILE A 190 -0.68 7.38 -17.89
CA ILE A 190 0.52 7.21 -17.11
C ILE A 190 0.26 6.13 -16.08
N ALA A 191 1.31 5.38 -15.75
CA ALA A 191 1.22 4.33 -14.76
C ALA A 191 0.92 4.94 -13.40
N ILE A 192 -0.13 4.43 -12.75
CA ILE A 192 -0.47 4.86 -11.41
C ILE A 192 -0.03 3.80 -10.39
N ASN A 193 0.74 4.24 -9.37
CA ASN A 193 1.37 3.31 -8.44
C ASN A 193 0.52 3.09 -7.18
N CYS A 194 -0.27 4.09 -6.81
CA CYS A 194 -0.97 4.03 -5.54
C CYS A 194 -2.32 4.75 -5.62
N THR A 195 -3.24 4.26 -4.79
CA THR A 195 -4.61 4.72 -4.75
C THR A 195 -5.06 4.65 -3.31
N ALA A 196 -5.95 5.58 -2.92
CA ALA A 196 -6.61 5.48 -1.64
C ALA A 196 -7.92 6.25 -1.70
N PHE A 197 -8.95 5.66 -1.09
CA PHE A 197 -10.23 6.30 -0.93
C PHE A 197 -10.23 7.07 0.38
N ASN A 198 -11.11 8.05 0.51
CA ASN A 198 -11.41 8.69 1.77
C ASN A 198 -12.45 7.85 2.52
N HIS A 199 -12.93 8.37 3.66
CA HIS A 199 -13.67 7.54 4.59
C HIS A 199 -15.00 7.13 3.97
N ASN A 200 -15.73 8.07 3.37
CA ASN A 200 -17.04 7.76 2.81
C ASN A 200 -16.92 7.32 1.33
N GLY A 201 -15.72 7.40 0.73
CA GLY A 201 -15.50 6.83 -0.59
C GLY A 201 -15.91 7.74 -1.75
N ASN A 202 -16.29 9.00 -1.46
CA ASN A 202 -16.59 9.94 -2.55
C ASN A 202 -15.32 10.59 -3.12
N LEU A 203 -14.11 10.39 -2.52
CA LEU A 203 -12.86 10.88 -3.11
C LEU A 203 -11.85 9.74 -3.15
N LEU A 204 -11.06 9.73 -4.21
CA LEU A 204 -9.97 8.81 -4.42
C LEU A 204 -8.71 9.61 -4.75
N VAL A 205 -7.66 9.38 -3.99
CA VAL A 205 -6.43 10.06 -4.32
C VAL A 205 -5.47 9.04 -4.94
N THR A 206 -4.62 9.53 -5.87
CA THR A 206 -3.73 8.67 -6.62
C THR A 206 -2.37 9.35 -6.79
N GLY A 207 -1.35 8.52 -6.89
CA GLY A 207 -0.01 8.94 -7.22
C GLY A 207 0.54 8.11 -8.36
N ALA A 208 1.26 8.77 -9.26
CA ALA A 208 1.65 8.19 -10.51
C ALA A 208 3.17 8.27 -10.72
N ALA A 209 3.60 7.65 -11.82
CA ALA A 209 4.99 7.51 -12.17
C ALA A 209 5.56 8.85 -12.65
N ASP A 210 4.70 9.79 -13.06
CA ASP A 210 5.12 11.12 -13.49
C ASP A 210 5.27 12.08 -12.29
N GLY A 211 5.17 11.57 -11.06
CA GLY A 211 5.29 12.39 -9.88
C GLY A 211 4.03 13.20 -9.55
N VAL A 212 2.91 12.94 -10.26
CA VAL A 212 1.73 13.78 -10.15
C VAL A 212 0.70 13.09 -9.26
N ILE A 213 0.04 13.90 -8.40
CA ILE A 213 -1.07 13.41 -7.59
C ILE A 213 -2.35 13.85 -8.27
N ARG A 214 -3.26 12.90 -8.45
CA ARG A 214 -4.54 13.17 -9.05
C ARG A 214 -5.61 12.77 -8.05
N LEU A 215 -6.51 13.72 -7.76
CA LEU A 215 -7.60 13.47 -6.84
C LEU A 215 -8.92 13.46 -7.59
N PHE A 216 -9.71 12.40 -7.37
CA PHE A 216 -10.88 12.12 -8.18
C PHE A 216 -12.14 12.19 -7.34
N ASP A 217 -13.10 12.90 -7.87
CA ASP A 217 -14.44 12.91 -7.34
C ASP A 217 -15.16 11.70 -7.91
N MET A 218 -15.52 10.76 -7.04
CA MET A 218 -16.03 9.47 -7.45
C MET A 218 -17.53 9.52 -7.61
N GLN A 219 -18.12 10.72 -7.55
CA GLN A 219 -19.55 10.86 -7.80
C GLN A 219 -19.76 11.39 -9.23
N GLN A 220 -19.04 12.46 -9.57
CA GLN A 220 -19.05 13.03 -10.89
C GLN A 220 -18.11 12.27 -11.85
N HIS A 221 -17.22 11.44 -11.29
CA HIS A 221 -16.23 10.69 -12.06
C HIS A 221 -15.35 11.65 -12.85
N GLU A 222 -14.70 12.58 -12.14
CA GLU A 222 -13.74 13.49 -12.78
C GLU A 222 -12.61 13.81 -11.82
N CYS A 223 -11.55 14.38 -12.37
CA CYS A 223 -10.41 14.84 -11.61
C CYS A 223 -10.76 16.16 -10.96
N ALA A 224 -10.87 16.17 -9.61
CA ALA A 224 -11.22 17.41 -8.90
C ALA A 224 -10.00 18.33 -8.77
N MET A 225 -8.78 17.77 -8.89
CA MET A 225 -7.58 18.43 -8.45
C MET A 225 -6.40 17.57 -8.87
N SER A 226 -5.34 18.21 -9.35
CA SER A 226 -4.06 17.52 -9.52
C SER A 226 -2.93 18.52 -9.42
N TRP A 227 -1.74 18.00 -9.14
CA TRP A 227 -0.56 18.82 -8.97
C TRP A 227 0.70 17.95 -9.00
N ARG A 228 1.82 18.58 -9.30
CA ARG A 228 3.12 17.95 -9.26
C ARG A 228 3.55 17.80 -7.80
N ALA A 229 3.80 16.56 -7.36
CA ALA A 229 4.00 16.27 -5.96
C ALA A 229 5.46 15.91 -5.67
N HIS A 230 6.10 15.15 -6.56
CA HIS A 230 7.43 14.64 -6.34
C HIS A 230 8.25 14.80 -7.63
N TYR A 231 9.56 14.95 -7.45
CA TYR A 231 10.51 14.72 -8.51
C TYR A 231 10.75 13.22 -8.59
N GLY A 232 10.17 12.59 -9.61
CA GLY A 232 10.17 11.15 -9.73
C GLY A 232 8.81 10.61 -9.30
N GLU A 233 8.75 9.30 -9.12
CA GLU A 233 7.49 8.62 -8.90
C GLU A 233 6.93 8.94 -7.52
N VAL A 234 5.59 8.87 -7.44
CA VAL A 234 4.89 8.82 -6.18
C VAL A 234 4.66 7.36 -5.82
N TYR A 235 4.89 7.00 -4.56
CA TYR A 235 4.86 5.61 -4.15
C TYR A 235 3.66 5.29 -3.26
N SER A 236 3.28 6.22 -2.38
CA SER A 236 2.13 6.04 -1.52
C SER A 236 1.46 7.39 -1.27
N VAL A 237 0.15 7.32 -1.05
CA VAL A 237 -0.71 8.48 -0.79
C VAL A 237 -1.76 8.06 0.24
N GLU A 238 -2.18 9.00 1.09
CA GLU A 238 -3.21 8.72 2.06
C GLU A 238 -3.91 10.02 2.43
N PHE A 239 -5.21 9.91 2.76
CA PHE A 239 -5.95 10.99 3.42
C PHE A 239 -5.55 11.05 4.89
N SER A 240 -5.30 12.29 5.39
CA SER A 240 -5.31 12.55 6.80
C SER A 240 -6.65 12.10 7.39
N TYR A 241 -6.64 11.82 8.68
CA TYR A 241 -7.84 11.46 9.39
C TYR A 241 -8.92 12.53 9.19
N ASP A 242 -8.55 13.82 9.28
CA ASP A 242 -9.56 14.89 9.20
C ASP A 242 -9.90 15.20 7.73
N GLU A 243 -9.11 14.66 6.79
CA GLU A 243 -9.38 14.77 5.36
C GLU A 243 -9.22 16.22 4.92
N ASN A 244 -8.49 17.02 5.69
CA ASN A 244 -8.07 18.33 5.21
C ASN A 244 -6.78 18.23 4.39
N THR A 245 -6.05 17.12 4.50
CA THR A 245 -4.80 16.99 3.78
C THR A 245 -4.69 15.59 3.19
N VAL A 246 -3.76 15.47 2.27
CA VAL A 246 -3.27 14.17 1.88
C VAL A 246 -1.78 14.15 2.11
N TYR A 247 -1.27 12.94 2.36
CA TYR A 247 0.15 12.72 2.53
C TYR A 247 0.66 11.92 1.35
N SER A 248 1.89 12.20 0.94
CA SER A 248 2.55 11.40 -0.08
C SER A 248 4.00 11.11 0.29
N ILE A 249 4.49 10.03 -0.28
CA ILE A 249 5.90 9.74 -0.24
C ILE A 249 6.34 9.29 -1.63
N GLY A 250 7.53 9.72 -2.05
CA GLY A 250 7.97 9.43 -3.41
C GLY A 250 9.48 9.25 -3.53
N GLU A 251 9.91 9.17 -4.79
CA GLU A 251 11.26 8.74 -5.15
C GLU A 251 12.33 9.79 -4.78
N ASP A 252 11.90 11.05 -4.57
CA ASP A 252 12.81 12.12 -4.20
C ASP A 252 13.15 12.05 -2.72
N GLY A 253 12.63 11.05 -2.00
CA GLY A 253 12.97 10.86 -0.58
C GLY A 253 12.03 11.59 0.40
N LYS A 254 11.07 12.34 -0.14
CA LYS A 254 10.29 13.27 0.66
C LYS A 254 8.93 12.70 1.07
N PHE A 255 8.58 12.99 2.31
CA PHE A 255 7.24 12.90 2.85
C PHE A 255 6.61 14.29 2.91
N ILE A 256 5.45 14.43 2.28
CA ILE A 256 4.85 15.75 2.09
C ILE A 256 3.38 15.68 2.47
N GLN A 257 2.92 16.76 3.10
CA GLN A 257 1.53 16.93 3.42
C GLN A 257 0.96 18.05 2.55
N TRP A 258 -0.19 17.78 1.93
CA TRP A 258 -0.77 18.67 0.95
C TRP A 258 -2.16 19.10 1.37
N ASN A 259 -2.48 20.40 1.14
CA ASN A 259 -3.77 20.96 1.49
C ASN A 259 -4.79 20.62 0.40
N ILE A 260 -5.78 19.79 0.76
CA ILE A 260 -6.77 19.25 -0.18
C ILE A 260 -7.72 20.36 -0.67
N HIS A 261 -7.71 21.55 -0.04
CA HIS A 261 -8.58 22.67 -0.42
C HIS A 261 -7.85 23.69 -1.32
N LYS A 262 -6.63 23.38 -1.80
CA LYS A 262 -5.79 24.32 -2.53
C LYS A 262 -4.66 23.58 -3.23
N SER A 263 -4.84 23.30 -4.53
CA SER A 263 -4.03 22.35 -5.32
C SER A 263 -2.51 22.68 -5.30
N GLY A 264 -1.69 21.76 -4.75
CA GLY A 264 -0.23 21.87 -4.78
C GLY A 264 0.31 22.81 -3.69
N LEU A 265 -0.58 23.27 -2.78
CA LEU A 265 -0.11 24.03 -1.62
C LEU A 265 0.34 23.02 -0.57
N LYS A 266 1.66 22.98 -0.35
CA LYS A 266 2.25 22.14 0.66
C LYS A 266 1.84 22.68 2.02
N VAL A 267 1.72 21.78 2.99
CA VAL A 267 1.50 22.14 4.36
C VAL A 267 2.80 21.93 5.11
N SER A 268 3.46 20.82 4.79
CA SER A 268 4.77 20.53 5.34
C SER A 268 5.47 19.52 4.45
N GLU A 269 6.77 19.34 4.72
CA GLU A 269 7.65 18.61 3.83
C GLU A 269 8.86 18.17 4.65
N TYR A 270 9.15 16.88 4.65
CA TYR A 270 10.30 16.35 5.35
C TYR A 270 11.08 15.44 4.40
N SER A 271 12.39 15.59 4.39
CA SER A 271 13.29 14.61 3.82
C SER A 271 13.45 13.43 4.78
N LEU A 272 12.86 12.29 4.43
CA LEU A 272 13.07 11.09 5.22
C LEU A 272 14.46 10.52 4.94
N PRO A 273 15.00 9.68 5.85
CA PRO A 273 16.22 8.92 5.52
C PRO A 273 15.98 8.10 4.26
N SER A 274 17.04 7.96 3.46
CA SER A 274 17.06 7.23 2.21
C SER A 274 16.35 5.88 2.30
N ASP A 275 16.53 5.18 3.43
CA ASP A 275 16.16 3.80 3.60
C ASP A 275 14.67 3.69 3.93
N ALA A 276 14.00 4.84 3.98
CA ALA A 276 12.55 4.89 4.00
C ALA A 276 11.98 4.68 2.60
N THR A 277 12.72 5.08 1.55
CA THR A 277 12.18 5.05 0.19
C THR A 277 13.05 4.22 -0.74
N GLY A 278 14.18 3.72 -0.25
CA GLY A 278 15.02 2.86 -1.06
C GLY A 278 15.66 3.64 -2.21
N PRO A 279 16.03 2.99 -3.33
CA PRO A 279 15.77 1.55 -3.56
C PRO A 279 16.33 0.61 -2.50
N PHE A 280 15.66 -0.53 -2.29
CA PHE A 280 16.04 -1.42 -1.21
C PHE A 280 17.05 -2.46 -1.73
N VAL A 281 18.19 -2.59 -1.03
CA VAL A 281 19.32 -3.33 -1.53
C VAL A 281 19.79 -4.31 -0.46
N LEU A 282 19.87 -5.59 -0.84
CA LEU A 282 20.52 -6.61 -0.03
C LEU A 282 21.77 -7.15 -0.75
N SER A 283 22.95 -6.98 -0.12
CA SER A 283 24.22 -7.42 -0.69
C SER A 283 24.83 -8.54 0.12
N GLY A 284 25.65 -9.36 -0.55
CA GLY A 284 26.73 -10.10 0.07
C GLY A 284 28.06 -9.66 -0.53
N TYR A 285 29.14 -10.38 -0.20
CA TYR A 285 30.47 -9.94 -0.57
C TYR A 285 30.71 -10.14 -2.08
N SER A 286 29.70 -10.69 -2.78
CA SER A 286 29.92 -11.55 -3.94
C SER A 286 29.92 -10.77 -5.26
N GLY A 287 29.52 -9.50 -5.20
CA GLY A 287 29.16 -8.78 -6.42
C GLY A 287 27.57 -8.87 -6.69
N TYR A 288 26.91 -9.68 -5.83
CA TYR A 288 25.55 -10.14 -6.07
C TYR A 288 24.59 -9.33 -5.16
N LYS A 289 23.69 -8.56 -5.77
CA LYS A 289 22.74 -7.86 -4.91
C LYS A 289 21.29 -8.08 -5.38
N GLN A 290 20.40 -7.99 -4.40
CA GLN A 290 18.98 -7.91 -4.67
C GLN A 290 18.56 -6.48 -4.52
N VAL A 291 17.83 -5.97 -5.52
CA VAL A 291 17.29 -4.61 -5.52
C VAL A 291 15.76 -4.67 -5.65
N GLN A 292 15.05 -4.00 -4.70
CA GLN A 292 13.60 -3.88 -4.71
C GLN A 292 13.25 -2.39 -4.75
N VAL A 293 12.52 -1.99 -5.80
CA VAL A 293 11.99 -0.65 -5.86
C VAL A 293 10.68 -0.66 -5.08
N PRO A 294 10.28 0.48 -4.48
CA PRO A 294 9.03 0.54 -3.73
C PRO A 294 7.86 0.07 -4.59
N ARG A 295 7.00 -0.74 -4.01
CA ARG A 295 5.88 -1.33 -4.72
C ARG A 295 4.69 -1.36 -3.76
N GLY A 296 4.94 -1.81 -2.54
CA GLY A 296 3.91 -1.80 -1.52
C GLY A 296 3.88 -0.46 -0.82
N ARG A 297 2.90 -0.33 0.09
CA ARG A 297 2.76 0.79 1.00
C ARG A 297 4.04 1.05 1.80
N LEU A 298 4.52 2.28 1.69
CA LEU A 298 5.74 2.70 2.36
C LEU A 298 5.47 3.38 3.70
N PHE A 299 4.20 3.67 4.01
CA PHE A 299 3.85 4.21 5.32
C PHE A 299 2.49 3.68 5.73
N ALA A 300 2.18 3.86 7.00
CA ALA A 300 0.89 3.48 7.53
C ALA A 300 0.68 4.27 8.81
N PHE A 301 -0.53 4.28 9.35
CA PHE A 301 -0.92 5.24 10.38
C PHE A 301 -1.71 4.56 11.49
N ASP A 302 -1.74 5.21 12.66
CA ASP A 302 -2.59 4.75 13.75
C ASP A 302 -4.01 5.27 13.52
N SER A 303 -4.92 4.92 14.43
CA SER A 303 -6.35 4.91 14.14
C SER A 303 -6.82 6.30 13.74
N GLU A 304 -6.26 7.32 14.42
CA GLU A 304 -6.70 8.70 14.29
C GLU A 304 -5.66 9.50 13.52
N GLY A 305 -4.66 8.80 13.01
CA GLY A 305 -3.61 9.43 12.24
C GLY A 305 -2.82 10.47 13.03
N ASN A 306 -2.38 10.11 14.23
CA ASN A 306 -1.43 10.95 14.94
C ASN A 306 0.00 10.45 14.77
N TYR A 307 0.16 9.21 14.30
CA TYR A 307 1.48 8.62 14.20
C TYR A 307 1.61 7.89 12.87
N MET A 308 2.85 7.85 12.35
CA MET A 308 3.11 7.24 11.05
C MET A 308 4.26 6.25 11.15
N LEU A 309 4.01 5.05 10.63
CA LEU A 309 5.05 4.02 10.50
C LEU A 309 5.67 4.08 9.10
N THR A 310 7.00 3.91 9.05
CA THR A 310 7.81 3.97 7.83
C THR A 310 8.85 2.85 7.88
N CYS A 311 9.49 2.62 6.71
CA CYS A 311 10.52 1.59 6.58
C CYS A 311 11.89 2.11 7.04
N SER A 312 12.78 1.19 7.45
CA SER A 312 14.19 1.45 7.62
C SER A 312 14.96 0.15 7.40
N ALA A 313 16.29 0.25 7.31
CA ALA A 313 17.13 -0.92 7.10
C ALA A 313 16.91 -1.92 8.23
N THR A 314 16.49 -1.43 9.40
CA THR A 314 16.69 -2.21 10.60
C THR A 314 15.34 -2.58 11.24
N GLY A 315 14.26 -1.99 10.71
CA GLY A 315 12.93 -2.24 11.20
C GLY A 315 12.05 -1.01 11.03
N GLY A 316 10.83 -1.07 11.58
CA GLY A 316 9.86 0.00 11.44
C GLY A 316 10.29 1.25 12.21
N VAL A 317 9.99 2.44 11.66
CA VAL A 317 10.26 3.67 12.37
C VAL A 317 9.00 4.52 12.38
N ILE A 318 8.62 4.95 13.58
CA ILE A 318 7.36 5.62 13.84
C ILE A 318 7.64 7.06 14.22
N TYR A 319 6.87 7.96 13.62
CA TYR A 319 6.97 9.39 13.86
C TYR A 319 5.61 9.94 14.26
N LYS A 320 5.66 10.99 15.09
CA LYS A 320 4.50 11.79 15.44
C LYS A 320 4.24 12.81 14.34
N LEU A 321 2.99 12.84 13.85
CA LEU A 321 2.56 13.82 12.87
C LEU A 321 2.06 15.07 13.59
N GLY A 322 1.50 16.00 12.81
CA GLY A 322 0.75 17.13 13.36
C GLY A 322 1.63 18.36 13.59
N GLY A 323 2.91 18.14 13.92
CA GLY A 323 3.86 19.22 14.10
C GLY A 323 4.10 19.99 12.80
N ASP A 324 4.35 21.30 12.93
CA ASP A 324 5.02 22.08 11.90
C ASP A 324 6.42 22.43 12.40
N GLU A 325 7.04 21.48 13.13
CA GLU A 325 8.44 21.59 13.56
C GLU A 325 9.35 21.31 12.35
N LYS A 326 10.62 21.73 12.47
CA LYS A 326 11.56 21.75 11.36
C LYS A 326 11.98 20.31 11.01
N VAL A 327 12.67 19.64 11.96
CA VAL A 327 12.89 18.20 11.89
C VAL A 327 11.59 17.50 12.28
N LEU A 328 11.42 16.24 11.82
CA LEU A 328 10.25 15.43 12.16
C LEU A 328 10.56 14.56 13.39
N GLU A 329 9.59 14.46 14.32
CA GLU A 329 9.84 13.96 15.67
C GLU A 329 9.75 12.43 15.67
N SER A 330 10.94 11.80 15.59
CA SER A 330 11.07 10.34 15.58
C SER A 330 10.98 9.78 17.00
N CYS A 331 9.89 9.05 17.31
CA CYS A 331 9.58 8.73 18.70
C CYS A 331 9.72 7.23 19.03
N LEU A 332 9.60 6.32 18.06
CA LEU A 332 9.71 4.90 18.39
C LEU A 332 10.25 4.08 17.20
N SER A 333 11.12 3.14 17.54
CA SER A 333 11.78 2.26 16.58
C SER A 333 11.48 0.82 16.97
N LEU A 334 10.90 0.04 16.04
CA LEU A 334 10.38 -1.28 16.39
C LEU A 334 11.48 -2.34 16.32
N GLY A 335 12.50 -2.14 15.45
CA GLY A 335 13.65 -3.03 15.38
C GLY A 335 13.27 -4.45 14.90
N GLY A 336 14.25 -5.36 14.99
CA GLY A 336 14.00 -6.80 14.84
C GLY A 336 14.26 -7.31 13.41
N HIS A 337 14.73 -6.45 12.51
CA HIS A 337 14.96 -6.88 11.13
C HIS A 337 16.46 -6.86 10.84
N ARG A 338 16.96 -7.95 10.21
CA ARG A 338 18.35 -8.10 9.79
C ARG A 338 18.48 -7.91 8.27
N ALA A 339 17.40 -7.48 7.64
CA ALA A 339 17.39 -7.18 6.22
C ALA A 339 16.44 -6.03 5.99
N PRO A 340 16.58 -5.19 4.92
CA PRO A 340 15.75 -4.01 4.75
C PRO A 340 14.25 -4.26 4.78
N VAL A 341 13.55 -3.38 5.51
CA VAL A 341 12.09 -3.34 5.52
C VAL A 341 11.67 -2.58 4.28
N VAL A 342 10.71 -3.13 3.55
CA VAL A 342 10.34 -2.59 2.25
C VAL A 342 8.85 -2.26 2.17
N THR A 343 8.05 -2.73 3.15
CA THR A 343 6.65 -2.32 3.20
C THR A 343 6.13 -2.54 4.63
N VAL A 344 5.07 -1.80 4.98
CA VAL A 344 4.58 -1.81 6.34
C VAL A 344 3.05 -1.81 6.32
N ASP A 345 2.44 -2.09 7.49
CA ASP A 345 1.04 -1.78 7.71
C ASP A 345 0.81 -1.47 9.20
N TRP A 346 -0.36 -0.89 9.51
CA TRP A 346 -0.75 -0.58 10.88
C TRP A 346 -2.27 -0.69 11.00
N SER A 347 -2.76 -1.65 11.78
CA SER A 347 -4.19 -1.80 12.01
C SER A 347 -4.50 -1.65 13.49
N THR A 348 -5.69 -1.13 13.80
CA THR A 348 -6.07 -0.86 15.19
C THR A 348 -7.46 -1.43 15.42
N ALA A 349 -7.53 -2.33 16.41
CA ALA A 349 -8.70 -3.16 16.68
C ALA A 349 -8.67 -3.59 18.15
N MET A 350 -9.85 -3.62 18.78
CA MET A 350 -9.96 -3.94 20.20
C MET A 350 -9.09 -2.97 21.01
N ASP A 351 -9.07 -1.69 20.59
CA ASP A 351 -8.37 -0.62 21.32
C ASP A 351 -6.87 -0.94 21.43
N CYS A 352 -6.30 -1.51 20.36
CA CYS A 352 -4.96 -2.07 20.37
C CYS A 352 -4.36 -2.05 18.96
N GLY A 353 -3.06 -1.82 18.86
CA GLY A 353 -2.40 -1.58 17.57
C GLY A 353 -1.56 -2.78 17.10
N THR A 354 -1.68 -3.10 15.81
CA THR A 354 -0.89 -4.15 15.18
C THR A 354 -0.02 -3.55 14.07
N CYS A 355 1.31 -3.61 14.22
CA CYS A 355 2.20 -3.11 13.17
C CYS A 355 2.91 -4.25 12.43
N LEU A 356 2.82 -4.22 11.09
CA LEU A 356 3.56 -5.13 10.24
C LEU A 356 4.77 -4.43 9.65
N THR A 357 5.93 -5.08 9.78
CA THR A 357 7.12 -4.69 9.05
C THR A 357 7.65 -5.92 8.30
N ALA A 358 7.96 -5.72 7.01
CA ALA A 358 8.27 -6.80 6.09
C ALA A 358 9.58 -6.49 5.37
N SER A 359 10.47 -7.48 5.37
CA SER A 359 11.85 -7.27 4.97
C SER A 359 12.22 -8.17 3.77
N MET A 360 13.41 -7.93 3.23
CA MET A 360 13.83 -8.49 1.95
C MET A 360 14.21 -9.97 2.07
N ASP A 361 14.42 -10.45 3.29
CA ASP A 361 14.64 -11.86 3.59
C ASP A 361 13.31 -12.64 3.66
N GLY A 362 12.16 -11.99 3.41
CA GLY A 362 10.86 -12.66 3.48
C GLY A 362 10.21 -12.60 4.87
N LYS A 363 10.90 -12.02 5.85
CA LYS A 363 10.42 -12.03 7.23
C LYS A 363 9.42 -10.88 7.44
N ILE A 364 8.37 -11.18 8.19
CA ILE A 364 7.40 -10.19 8.59
C ILE A 364 7.31 -10.18 10.12
N LYS A 365 7.55 -9.00 10.71
CA LYS A 365 7.44 -8.83 12.14
C LYS A 365 6.07 -8.23 12.42
N LEU A 366 5.37 -8.83 13.39
CA LEU A 366 4.13 -8.26 13.87
C LEU A 366 4.36 -7.74 15.29
N THR A 367 4.31 -6.41 15.44
CA THR A 367 4.52 -5.74 16.71
C THR A 367 3.17 -5.25 17.24
N THR A 368 2.86 -5.63 18.49
CA THR A 368 1.59 -5.29 19.12
C THR A 368 1.80 -4.10 20.07
N LEU A 369 1.05 -3.00 19.79
CA LEU A 369 1.14 -1.73 20.50
C LEU A 369 -0.16 -1.42 21.24
N LEU A 370 -0.02 -0.83 22.44
CA LEU A 370 -1.13 -0.18 23.11
C LEU A 370 -0.75 1.30 23.32
N ALA A 371 -1.78 2.17 23.16
CA ALA A 371 -1.67 3.61 23.41
C ALA A 371 -1.81 3.95 24.90
N HIS A 372 -2.09 5.24 25.20
CA HIS A 372 -2.30 5.70 26.57
C HIS A 372 -3.06 7.03 26.56
#